data_3H0E
#
_entry.id   3H0E
#
_cell.length_a   125.739
_cell.length_b   69.940
_cell.length_c   88.797
_cell.angle_alpha   90.00
_cell.angle_beta   130.08
_cell.angle_gamma   90.00
#
_symmetry.space_group_name_H-M   'C 1 2 1'
#
loop_
_entity.id
_entity.type
_entity.pdbx_description
1 polymer Caspase-3
2 non-polymer (10S)-3,3-dimethyl-8-{[(2S)-2-(phenoxymethyl)pyrrolidin-1-yl]sulfonyl}-2,3,4,10-tetrahydropyrimido[1,2-a]indol-10-ol
3 water water
#
_entity_poly.entity_id   1
_entity_poly.type   'polypeptide(L)'
_entity_poly.pdbx_seq_one_letter_code
;SGISLDNSYKMDYPEMGLCIIINNKNFHKSTGMTSRSGTDVDAANLRETFRNLKYEVRNKNDLTREEIVELMRDVSKEDH
SKRSSFVCVLLSHGEEGIIFGTNGPVDLKKITNFFRGDRCRSLTGKPKLFIIQACRGTELDCGIETDSGVDDDMACHKIP
VEADFLYAYSTAPGYYSWRNSKDGSWFIQSLCAMLKQYADKLEFMHILTRVNRKVATEFESFSFDATFHAKKQIPCIVSM
LTKELYFYHHHHHHH
;
_entity_poly.pdbx_strand_id   A,B
#
loop_
_chem_comp.id
_chem_comp.type
_chem_comp.name
_chem_comp.formula
H0E non-polymer (10S)-3,3-dimethyl-8-{[(2S)-2-(phenoxymethyl)pyrrolidin-1-yl]sulfonyl}-2,3,4,10-tetrahydropyrimido[1,2-a]indol-10-ol 'C24 H29 N3 O4 S'
#
# COMPACT_ATOMS: atom_id res chain seq x y z
N ASP A 6 -19.67 -11.26 -1.16
CA ASP A 6 -19.36 -11.50 -2.57
C ASP A 6 -17.98 -10.90 -2.91
N ASN A 7 -17.81 -10.53 -4.17
CA ASN A 7 -16.52 -10.00 -4.64
C ASN A 7 -16.43 -8.48 -4.60
N SER A 8 -17.57 -7.82 -4.43
CA SER A 8 -17.62 -6.35 -4.45
C SER A 8 -18.36 -5.78 -3.25
N TYR A 9 -17.87 -4.66 -2.72
CA TYR A 9 -18.53 -4.00 -1.61
C TYR A 9 -19.95 -3.59 -1.98
N LYS A 10 -20.87 -3.78 -1.05
CA LYS A 10 -22.24 -3.33 -1.22
C LYS A 10 -22.31 -1.79 -1.19
N MET A 11 -22.56 -1.19 -2.35
CA MET A 11 -22.54 0.26 -2.46
C MET A 11 -23.92 0.84 -2.77
N ASP A 12 -24.96 0.07 -2.50
CA ASP A 12 -26.32 0.52 -2.76
C ASP A 12 -27.11 0.85 -1.48
N TYR A 13 -26.39 1.22 -0.43
CA TYR A 13 -27.01 1.78 0.76
C TYR A 13 -27.70 3.10 0.39
N PRO A 14 -28.61 3.57 1.24
CA PRO A 14 -29.31 4.84 0.96
C PRO A 14 -28.36 6.00 0.66
N GLU A 15 -27.22 6.03 1.34
CA GLU A 15 -26.24 7.11 1.14
C GLU A 15 -24.88 6.51 0.80
N MET A 16 -24.13 7.17 -0.08
CA MET A 16 -22.77 6.74 -0.36
C MET A 16 -21.91 6.91 0.88
N GLY A 17 -22.14 7.98 1.63
CA GLY A 17 -21.41 8.24 2.84
C GLY A 17 -20.82 9.65 2.94
N LEU A 18 -20.10 9.91 4.02
CA LEU A 18 -19.45 11.19 4.25
C LEU A 18 -18.13 11.30 3.51
N CYS A 19 -17.80 12.52 3.09
CA CYS A 19 -16.46 12.83 2.58
C CYS A 19 -15.97 14.06 3.33
N ILE A 20 -15.16 13.83 4.36
CA ILE A 20 -14.61 14.91 5.16
C ILE A 20 -13.33 15.40 4.51
N ILE A 21 -13.23 16.71 4.28
CA ILE A 21 -12.04 17.29 3.68
C ILE A 21 -11.41 18.27 4.65
N ILE A 22 -10.25 17.91 5.18
CA ILE A 22 -9.53 18.81 6.07
C ILE A 22 -8.48 19.57 5.28
N ASN A 23 -8.68 20.88 5.15
CA ASN A 23 -7.83 21.71 4.31
C ASN A 23 -7.02 22.70 5.14
N ASN A 24 -5.79 22.32 5.47
CA ASN A 24 -4.92 23.19 6.24
C ASN A 24 -4.00 24.01 5.34
N LYS A 25 -4.25 25.31 5.27
CA LYS A 25 -3.50 26.20 4.41
C LYS A 25 -2.58 27.13 5.21
N ASN A 26 -3.12 27.69 6.29
CA ASN A 26 -2.38 28.64 7.12
C ASN A 26 -2.03 28.04 8.48
N PHE A 27 -0.76 28.17 8.86
CA PHE A 27 -0.28 27.55 10.09
C PHE A 27 0.18 28.58 11.11
N HIS A 28 0.03 28.23 12.39
CA HIS A 28 0.44 29.10 13.48
C HIS A 28 1.84 29.63 13.24
N LYS A 29 1.99 30.95 13.38
CA LYS A 29 3.28 31.59 13.20
C LYS A 29 4.32 30.90 14.08
N SER A 30 3.89 30.46 15.25
CA SER A 30 4.77 29.84 16.23
C SER A 30 5.40 28.53 15.74
N THR A 31 4.81 27.91 14.73
CA THR A 31 5.34 26.67 14.17
C THR A 31 6.37 26.94 13.08
N GLY A 32 6.22 28.07 12.39
CA GLY A 32 7.15 28.44 11.34
C GLY A 32 6.90 27.71 10.03
N MET A 33 5.78 27.00 9.95
CA MET A 33 5.43 26.29 8.72
C MET A 33 4.87 27.26 7.68
N THR A 34 5.21 27.01 6.42
CA THR A 34 4.81 27.90 5.33
C THR A 34 3.35 27.69 4.91
N SER A 35 2.77 28.73 4.30
CA SER A 35 1.41 28.63 3.78
C SER A 35 1.39 27.67 2.60
N ARG A 36 0.31 26.91 2.45
CA ARG A 36 0.23 25.91 1.37
C ARG A 36 -0.59 26.42 0.18
N SER A 37 0.05 27.25 -0.64
CA SER A 37 -0.62 27.84 -1.80
C SER A 37 -1.14 26.79 -2.78
N GLY A 38 -2.38 26.98 -3.24
CA GLY A 38 -2.98 26.08 -4.20
C GLY A 38 -3.85 25.01 -3.57
N THR A 39 -3.80 24.89 -2.25
CA THR A 39 -4.57 23.87 -1.57
C THR A 39 -6.07 24.12 -1.68
N ASP A 40 -6.45 25.38 -1.85
CA ASP A 40 -7.87 25.71 -2.03
C ASP A 40 -8.39 25.17 -3.36
N VAL A 41 -7.54 25.20 -4.38
CA VAL A 41 -7.87 24.59 -5.65
C VAL A 41 -8.13 23.08 -5.46
N ASP A 42 -7.28 22.43 -4.68
CA ASP A 42 -7.47 21.02 -4.33
C ASP A 42 -8.81 20.81 -3.65
N ALA A 43 -9.06 21.56 -2.58
CA ALA A 43 -10.28 21.40 -1.80
C ALA A 43 -11.53 21.58 -2.65
N ALA A 44 -11.54 22.61 -3.51
CA ALA A 44 -12.66 22.84 -4.39
C ALA A 44 -12.82 21.68 -5.38
N ASN A 45 -11.70 21.25 -5.95
CA ASN A 45 -11.70 20.14 -6.90
C ASN A 45 -12.26 18.86 -6.28
N LEU A 46 -11.80 18.54 -5.07
CA LEU A 46 -12.27 17.36 -4.35
C LEU A 46 -13.76 17.45 -4.03
N ARG A 47 -14.19 18.62 -3.57
CA ARG A 47 -15.59 18.84 -3.24
C ARG A 47 -16.49 18.53 -4.43
N GLU A 48 -16.15 19.05 -5.60
CA GLU A 48 -16.93 18.83 -6.80
C GLU A 48 -16.89 17.36 -7.27
N THR A 49 -15.71 16.78 -7.24
CA THR A 49 -15.53 15.39 -7.68
C THR A 49 -16.35 14.41 -6.86
N PHE A 50 -16.31 14.57 -5.54
CA PHE A 50 -17.05 13.67 -4.66
C PHE A 50 -18.53 14.02 -4.55
N ARG A 51 -18.87 15.29 -4.78
CA ARG A 51 -20.27 15.68 -4.86
C ARG A 51 -20.92 14.94 -6.02
N ASN A 52 -20.17 14.80 -7.10
CA ASN A 52 -20.65 14.11 -8.29
C ASN A 52 -20.79 12.61 -8.07
N LEU A 53 -19.96 12.07 -7.18
CA LEU A 53 -20.02 10.65 -6.82
C LEU A 53 -21.12 10.42 -5.79
N LYS A 54 -21.78 11.50 -5.40
CA LYS A 54 -22.94 11.46 -4.50
C LYS A 54 -22.59 11.26 -3.03
N TYR A 55 -21.40 11.75 -2.64
CA TYR A 55 -21.02 11.79 -1.25
C TYR A 55 -21.49 13.06 -0.56
N GLU A 56 -21.68 12.98 0.75
CA GLU A 56 -22.01 14.13 1.58
C GLU A 56 -20.71 14.82 1.98
N VAL A 57 -20.33 15.85 1.23
CA VAL A 57 -19.04 16.52 1.43
C VAL A 57 -19.07 17.56 2.55
N ARG A 58 -18.11 17.48 3.46
CA ARG A 58 -17.95 18.49 4.50
C ARG A 58 -16.53 19.06 4.45
N ASN A 59 -16.41 20.35 4.16
CA ASN A 59 -15.10 21.01 4.14
C ASN A 59 -14.77 21.70 5.45
N LYS A 60 -13.54 21.51 5.92
CA LYS A 60 -13.05 22.17 7.12
C LYS A 60 -11.70 22.81 6.82
N ASN A 61 -11.45 23.99 7.40
CA ASN A 61 -10.25 24.74 7.09
C ASN A 61 -9.41 25.08 8.32
N ASP A 62 -8.10 24.98 8.17
CA ASP A 62 -7.16 25.45 9.19
C ASP A 62 -7.52 24.96 10.60
N LEU A 63 -7.44 23.65 10.82
CA LEU A 63 -7.72 23.07 12.13
C LEU A 63 -6.45 22.76 12.90
N THR A 64 -6.48 22.98 14.21
CA THR A 64 -5.37 22.61 15.06
C THR A 64 -5.31 21.09 15.18
N ARG A 65 -4.22 20.58 15.75
CA ARG A 65 -4.09 19.14 15.97
C ARG A 65 -5.23 18.61 16.84
N GLU A 66 -5.56 19.33 17.91
CA GLU A 66 -6.64 18.90 18.79
C GLU A 66 -8.01 19.03 18.13
N GLU A 67 -8.17 19.99 17.23
CA GLU A 67 -9.41 20.13 16.48
C GLU A 67 -9.59 18.97 15.49
N ILE A 68 -8.48 18.51 14.91
CA ILE A 68 -8.53 17.38 14.00
C ILE A 68 -8.98 16.12 14.75
N VAL A 69 -8.37 15.86 15.89
CA VAL A 69 -8.70 14.68 16.68
C VAL A 69 -10.17 14.71 17.13
N GLU A 70 -10.62 15.87 17.59
CA GLU A 70 -12.00 16.03 18.05
C GLU A 70 -13.00 15.81 16.90
N LEU A 71 -12.69 16.38 15.74
CA LEU A 71 -13.54 16.22 14.57
C LEU A 71 -13.67 14.75 14.17
N MET A 72 -12.54 14.04 14.11
CA MET A 72 -12.54 12.64 13.75
C MET A 72 -13.29 11.80 14.78
N ARG A 73 -13.05 12.09 16.05
CA ARG A 73 -13.74 11.38 17.12
C ARG A 73 -15.26 11.56 17.00
N ASP A 74 -15.69 12.79 16.79
CA ASP A 74 -17.11 13.09 16.65
C ASP A 74 -17.71 12.40 15.42
N VAL A 75 -17.00 12.47 14.30
CA VAL A 75 -17.46 11.85 13.06
C VAL A 75 -17.58 10.33 13.20
N SER A 76 -16.61 9.73 13.88
CA SER A 76 -16.62 8.28 14.11
C SER A 76 -17.74 7.84 15.04
N LYS A 77 -18.36 8.80 15.73
CA LYS A 77 -19.44 8.50 16.67
C LYS A 77 -20.83 8.66 16.05
N GLU A 78 -20.88 9.17 14.82
CA GLU A 78 -22.15 9.26 14.11
C GLU A 78 -22.66 7.88 13.73
N ASP A 79 -23.92 7.79 13.36
CA ASP A 79 -24.51 6.54 12.91
C ASP A 79 -24.39 6.45 11.39
N HIS A 80 -23.50 5.59 10.93
CA HIS A 80 -23.25 5.41 9.51
C HIS A 80 -24.01 4.19 8.94
N SER A 81 -24.99 3.69 9.68
CA SER A 81 -25.73 2.51 9.27
C SER A 81 -26.28 2.60 7.84
N LYS A 82 -26.70 3.79 7.44
CA LYS A 82 -27.32 3.97 6.14
C LYS A 82 -26.33 4.40 5.06
N ARG A 83 -25.04 4.36 5.39
CA ARG A 83 -23.99 4.82 4.48
C ARG A 83 -23.14 3.65 3.97
N SER A 84 -22.80 3.69 2.68
CA SER A 84 -22.04 2.61 2.05
C SER A 84 -20.56 2.62 2.43
N SER A 85 -20.03 3.81 2.69
CA SER A 85 -18.59 3.97 2.87
C SER A 85 -18.26 5.23 3.65
N PHE A 86 -16.97 5.48 3.83
CA PHE A 86 -16.49 6.71 4.46
C PHE A 86 -15.21 7.17 3.78
N VAL A 87 -15.12 8.48 3.55
CA VAL A 87 -13.95 9.07 2.91
C VAL A 87 -13.46 10.25 3.74
N CYS A 88 -12.17 10.28 4.00
CA CYS A 88 -11.55 11.43 4.64
C CYS A 88 -10.36 11.89 3.81
N VAL A 89 -10.30 13.18 3.51
CA VAL A 89 -9.18 13.72 2.74
C VAL A 89 -8.37 14.68 3.59
N LEU A 90 -7.07 14.46 3.67
CA LEU A 90 -6.20 15.32 4.46
C LEU A 90 -5.26 16.11 3.55
N LEU A 91 -5.36 17.43 3.61
CA LEU A 91 -4.51 18.32 2.83
C LEU A 91 -3.70 19.18 3.78
N SER A 92 -2.41 18.89 3.90
CA SER A 92 -1.57 19.61 4.84
C SER A 92 -0.10 19.28 4.65
N HIS A 93 0.75 19.86 5.49
CA HIS A 93 2.13 19.44 5.57
C HIS A 93 2.15 18.09 6.26
N GLY A 94 3.26 17.36 6.14
CA GLY A 94 3.37 16.08 6.78
C GLY A 94 4.80 15.56 6.89
N GLU A 95 4.92 14.44 7.59
CA GLU A 95 6.14 13.64 7.60
C GLU A 95 5.68 12.20 7.60
N GLU A 96 6.60 11.25 7.54
CA GLU A 96 6.20 9.84 7.52
C GLU A 96 5.30 9.51 8.71
N GLY A 97 4.11 9.03 8.42
CA GLY A 97 3.18 8.63 9.47
C GLY A 97 2.48 9.77 10.18
N ILE A 98 2.71 11.01 9.76
CA ILE A 98 2.11 12.15 10.45
C ILE A 98 1.57 13.23 9.50
N ILE A 99 0.49 13.88 9.92
CA ILE A 99 -0.02 15.07 9.25
C ILE A 99 -0.08 16.22 10.24
N PHE A 100 0.05 17.44 9.74
CA PHE A 100 0.14 18.61 10.62
C PHE A 100 -1.17 19.35 10.80
N GLY A 101 -1.57 19.54 12.06
CA GLY A 101 -2.57 20.52 12.40
C GLY A 101 -1.91 21.88 12.28
N THR A 102 -2.69 22.95 12.37
CA THR A 102 -2.14 24.29 12.25
C THR A 102 -1.05 24.58 13.29
N ASN A 103 -1.09 23.84 14.39
CA ASN A 103 -0.18 24.11 15.50
C ASN A 103 0.81 22.99 15.84
N GLY A 104 0.84 21.94 15.03
CA GLY A 104 1.73 20.83 15.31
C GLY A 104 1.29 19.49 14.78
N PRO A 105 2.18 18.49 14.84
CA PRO A 105 2.03 17.16 14.25
C PRO A 105 0.97 16.31 14.92
N VAL A 106 0.29 15.49 14.11
CA VAL A 106 -0.64 14.48 14.59
C VAL A 106 -0.28 13.16 13.93
N ASP A 107 -0.20 12.09 14.72
CA ASP A 107 0.01 10.76 14.16
C ASP A 107 -1.20 10.35 13.36
N LEU A 108 -0.99 9.89 12.13
CA LEU A 108 -2.08 9.39 11.30
C LEU A 108 -2.83 8.23 11.97
N LYS A 109 -2.10 7.34 12.63
CA LYS A 109 -2.71 6.22 13.36
C LYS A 109 -3.79 6.71 14.31
N LYS A 110 -3.51 7.82 14.98
CA LYS A 110 -4.45 8.39 15.94
C LYS A 110 -5.79 8.75 15.29
N ILE A 111 -5.71 9.30 14.09
CA ILE A 111 -6.90 9.67 13.33
C ILE A 111 -7.67 8.46 12.82
N THR A 112 -6.97 7.56 12.15
CA THR A 112 -7.62 6.40 11.54
C THR A 112 -8.12 5.38 12.58
N ASN A 113 -7.49 5.35 13.76
CA ASN A 113 -7.89 4.43 14.83
C ASN A 113 -9.34 4.59 15.28
N PHE A 114 -9.91 5.77 15.12
CA PHE A 114 -11.30 6.03 15.48
C PHE A 114 -12.26 5.21 14.63
N PHE A 115 -11.81 4.78 13.47
CA PHE A 115 -12.68 4.08 12.51
C PHE A 115 -12.41 2.59 12.44
N ARG A 116 -11.52 2.09 13.31
CA ARG A 116 -11.23 0.66 13.37
C ARG A 116 -12.50 -0.18 13.43
N GLY A 117 -12.42 -1.41 12.93
CA GLY A 117 -13.57 -2.30 12.87
C GLY A 117 -14.29 -2.45 14.20
N ASP A 118 -13.56 -2.27 15.30
CA ASP A 118 -14.13 -2.46 16.63
C ASP A 118 -14.48 -1.16 17.34
N ARG A 119 -14.11 -0.03 16.75
CA ARG A 119 -14.35 1.27 17.38
C ARG A 119 -15.42 2.10 16.66
N CYS A 120 -15.76 1.70 15.43
CA CYS A 120 -16.86 2.32 14.70
C CYS A 120 -17.71 1.23 14.07
N ARG A 121 -18.69 0.74 14.82
CA ARG A 121 -19.46 -0.45 14.44
C ARG A 121 -20.33 -0.26 13.19
N SER A 122 -20.80 0.96 12.95
CA SER A 122 -21.66 1.21 11.80
C SER A 122 -20.89 1.31 10.48
N LEU A 123 -19.56 1.24 10.57
CA LEU A 123 -18.73 1.18 9.36
C LEU A 123 -18.01 -0.17 9.25
N THR A 124 -18.28 -1.07 10.18
CA THR A 124 -17.69 -2.41 10.13
C THR A 124 -18.07 -3.09 8.83
N GLY A 125 -17.08 -3.58 8.09
CA GLY A 125 -17.32 -4.28 6.85
C GLY A 125 -17.49 -3.37 5.65
N LYS A 126 -17.37 -2.07 5.88
CA LYS A 126 -17.53 -1.07 4.83
C LYS A 126 -16.20 -0.40 4.51
N PRO A 127 -16.01 0.03 3.26
CA PRO A 127 -14.76 0.66 2.83
C PRO A 127 -14.50 2.01 3.50
N LYS A 128 -13.34 2.12 4.15
CA LYS A 128 -12.92 3.36 4.80
C LYS A 128 -11.72 3.91 4.04
N LEU A 129 -11.94 5.02 3.34
CA LEU A 129 -10.95 5.58 2.43
C LEU A 129 -10.30 6.82 3.01
N PHE A 130 -8.97 6.77 3.16
CA PHE A 130 -8.22 7.95 3.58
C PHE A 130 -7.29 8.39 2.47
N ILE A 131 -7.48 9.63 2.03
CA ILE A 131 -6.70 10.20 0.94
C ILE A 131 -5.81 11.28 1.52
N ILE A 132 -4.51 11.11 1.36
CA ILE A 132 -3.53 11.93 2.08
C ILE A 132 -2.59 12.68 1.15
N GLN A 133 -2.86 13.98 0.99
CA GLN A 133 -1.98 14.86 0.23
C GLN A 133 -1.10 15.60 1.23
N ALA A 134 0.13 15.10 1.39
CA ALA A 134 1.06 15.61 2.39
C ALA A 134 2.42 14.95 2.20
N CYS A 135 3.48 15.69 2.52
CA CYS A 135 4.82 15.12 2.49
C CYS A 135 4.89 13.90 3.42
N ARG A 136 5.79 12.97 3.09
CA ARG A 136 6.05 11.83 3.95
C ARG A 136 7.53 11.80 4.30
N GLY A 137 8.14 12.98 4.26
CA GLY A 137 9.56 13.14 4.40
C GLY A 137 10.00 14.21 3.41
N THR A 138 11.31 14.37 3.23
CA THR A 138 11.79 15.42 2.33
C THR A 138 12.72 14.93 1.23
N GLU A 139 12.72 13.62 0.97
CA GLU A 139 13.51 13.09 -0.13
C GLU A 139 12.89 13.55 -1.45
N LEU A 140 13.75 13.76 -2.44
CA LEU A 140 13.31 14.16 -3.77
C LEU A 140 13.62 13.06 -4.77
N ASP A 141 12.69 12.81 -5.67
CA ASP A 141 12.87 11.77 -6.70
C ASP A 141 13.37 12.42 -7.99
N CYS A 142 14.61 12.11 -8.36
CA CYS A 142 15.23 12.72 -9.54
C CYS A 142 14.79 12.06 -10.85
N GLY A 143 14.15 10.90 -10.74
CA GLY A 143 13.66 10.19 -11.91
C GLY A 143 14.76 9.56 -12.73
N ILE A 144 14.37 8.89 -13.80
CA ILE A 144 15.32 8.24 -14.72
C ILE A 144 14.81 8.33 -16.16
N GLU A 145 15.75 8.47 -17.09
CA GLU A 145 15.47 8.58 -18.52
C GLU A 145 15.22 10.03 -18.96
N ASP A 152 -10.05 -27.24 11.79
CA ASP A 152 -10.70 -26.17 12.54
C ASP A 152 -11.17 -25.05 11.61
N ASP A 153 -12.48 -24.83 11.56
CA ASP A 153 -13.08 -23.84 10.69
C ASP A 153 -13.68 -22.68 11.49
N MET A 154 -13.10 -21.49 11.32
CA MET A 154 -13.57 -20.30 12.01
C MET A 154 -13.93 -19.19 11.02
N ALA A 155 -14.28 -19.58 9.80
CA ALA A 155 -14.57 -18.61 8.75
C ALA A 155 -15.86 -17.83 9.02
N CYS A 156 -15.81 -16.53 8.73
CA CYS A 156 -16.97 -15.65 8.85
C CYS A 156 -17.35 -15.34 10.29
N HIS A 157 -16.51 -15.75 11.23
CA HIS A 157 -16.76 -15.48 12.65
C HIS A 157 -16.38 -14.05 13.00
N LYS A 158 -15.17 -13.65 12.59
CA LYS A 158 -14.67 -12.31 12.89
C LYS A 158 -13.86 -11.78 11.71
N ILE A 159 -13.68 -10.46 11.68
CA ILE A 159 -12.77 -9.85 10.73
C ILE A 159 -11.74 -9.03 11.50
N PRO A 160 -10.56 -8.79 10.90
CA PRO A 160 -9.55 -7.97 11.55
C PRO A 160 -10.05 -6.54 11.75
N VAL A 161 -9.67 -5.91 12.84
CA VAL A 161 -10.00 -4.52 13.11
C VAL A 161 -9.35 -3.54 12.09
N GLU A 162 -8.25 -3.94 11.45
CA GLU A 162 -7.54 -3.13 10.47
C GLU A 162 -8.04 -3.36 9.02
N ALA A 163 -8.93 -4.32 8.83
CA ALA A 163 -9.48 -4.62 7.52
C ALA A 163 -10.38 -3.52 6.96
N ASP A 164 -10.48 -3.45 5.64
CA ASP A 164 -11.42 -2.56 4.94
C ASP A 164 -11.01 -1.10 4.95
N PHE A 165 -9.72 -0.84 5.17
CA PHE A 165 -9.17 0.50 5.03
C PHE A 165 -8.40 0.58 3.72
N LEU A 166 -8.48 1.74 3.08
CA LEU A 166 -7.59 2.04 1.98
C LEU A 166 -6.94 3.39 2.22
N TYR A 167 -5.62 3.43 2.16
CA TYR A 167 -4.87 4.66 2.35
C TYR A 167 -4.26 5.06 1.01
N ALA A 168 -4.82 6.10 0.38
CA ALA A 168 -4.30 6.57 -0.89
C ALA A 168 -3.33 7.72 -0.65
N TYR A 169 -2.04 7.40 -0.57
CA TYR A 169 -1.01 8.39 -0.31
C TYR A 169 -0.61 9.10 -1.59
N SER A 170 -0.37 10.40 -1.51
CA SER A 170 0.01 11.18 -2.68
C SER A 170 1.43 10.83 -3.15
N THR A 171 2.22 10.21 -2.28
CA THR A 171 3.63 10.01 -2.55
C THR A 171 4.22 8.81 -1.80
N ALA A 172 5.39 8.38 -2.25
CA ALA A 172 6.07 7.23 -1.65
C ALA A 172 6.61 7.55 -0.26
N PRO A 173 6.74 6.52 0.59
CA PRO A 173 7.26 6.72 1.94
C PRO A 173 8.59 7.47 1.94
N GLY A 174 8.68 8.51 2.77
CA GLY A 174 9.91 9.27 2.90
C GLY A 174 10.07 10.43 1.93
N TYR A 175 9.17 10.56 0.96
CA TYR A 175 9.36 11.55 -0.11
C TYR A 175 8.50 12.82 0.00
N TYR A 176 8.93 13.85 -0.71
CA TYR A 176 8.16 15.08 -0.88
C TYR A 176 6.88 14.80 -1.64
N SER A 177 5.89 15.66 -1.44
CA SER A 177 4.67 15.65 -2.25
C SER A 177 4.51 17.02 -2.89
N TRP A 178 4.34 17.05 -4.21
CA TRP A 178 4.40 18.31 -4.96
C TRP A 178 3.04 18.98 -5.15
N ARG A 179 3.05 20.31 -5.06
CA ARG A 179 1.84 21.09 -5.18
C ARG A 179 2.10 22.36 -5.98
N ASN A 180 1.14 22.72 -6.83
CA ASN A 180 1.25 23.88 -7.70
C ASN A 180 0.27 24.95 -7.26
N SER A 181 0.75 26.19 -7.12
CA SER A 181 -0.10 27.28 -6.65
C SER A 181 -1.30 27.52 -7.56
N LYS A 182 -1.12 27.30 -8.86
CA LYS A 182 -2.17 27.54 -9.84
C LYS A 182 -3.14 26.36 -9.99
N ASP A 183 -2.62 25.15 -10.02
CA ASP A 183 -3.43 23.97 -10.32
C ASP A 183 -3.69 23.08 -9.12
N GLY A 184 -3.02 23.35 -8.01
CA GLY A 184 -3.12 22.50 -6.84
C GLY A 184 -2.07 21.40 -6.92
N SER A 185 -2.21 20.38 -6.07
CA SER A 185 -1.20 19.34 -6.00
C SER A 185 -1.29 18.39 -7.19
N TRP A 186 -0.15 17.83 -7.58
CA TRP A 186 -0.11 16.88 -8.68
C TRP A 186 -1.08 15.71 -8.43
N PHE A 187 -1.04 15.18 -7.22
CA PHE A 187 -1.81 14.00 -6.87
C PHE A 187 -3.33 14.24 -6.89
N ILE A 188 -3.77 15.28 -6.20
CA ILE A 188 -5.20 15.57 -6.11
C ILE A 188 -5.73 15.95 -7.49
N GLN A 189 -4.96 16.75 -8.21
CA GLN A 189 -5.25 17.10 -9.59
C GLN A 189 -5.53 15.85 -10.41
N SER A 190 -4.60 14.90 -10.37
CA SER A 190 -4.72 13.67 -11.14
C SER A 190 -5.85 12.76 -10.63
N LEU A 191 -6.00 12.68 -9.31
CA LEU A 191 -7.03 11.84 -8.70
C LEU A 191 -8.42 12.28 -9.12
N CYS A 192 -8.70 13.58 -9.06
CA CYS A 192 -10.01 14.10 -9.46
C CYS A 192 -10.28 13.84 -10.94
N ALA A 193 -9.28 14.07 -11.78
CA ALA A 193 -9.43 13.85 -13.21
C ALA A 193 -9.74 12.39 -13.54
N MET A 194 -9.05 11.47 -12.89
CA MET A 194 -9.24 10.04 -13.16
C MET A 194 -10.58 9.54 -12.62
N LEU A 195 -10.99 10.06 -11.47
CA LEU A 195 -12.30 9.72 -10.93
C LEU A 195 -13.42 10.22 -11.83
N LYS A 196 -13.27 11.43 -12.35
CA LYS A 196 -14.28 12.00 -13.24
C LYS A 196 -14.37 11.20 -14.54
N GLN A 197 -13.23 10.74 -15.04
CA GLN A 197 -13.20 10.03 -16.31
C GLN A 197 -13.56 8.55 -16.19
N TYR A 198 -13.22 7.93 -15.07
CA TYR A 198 -13.32 6.47 -14.95
C TYR A 198 -14.20 5.91 -13.84
N ALA A 199 -14.77 6.77 -13.00
CA ALA A 199 -15.56 6.29 -11.86
C ALA A 199 -16.73 5.40 -12.30
N ASP A 200 -17.12 5.53 -13.56
CA ASP A 200 -18.27 4.79 -14.06
C ASP A 200 -17.90 3.58 -14.92
N LYS A 201 -16.64 3.14 -14.86
CA LYS A 201 -16.21 2.00 -15.66
C LYS A 201 -15.00 1.22 -15.13
N LEU A 202 -14.33 1.75 -14.12
CA LEU A 202 -13.20 1.02 -13.52
C LEU A 202 -13.36 0.79 -12.03
N GLU A 203 -12.80 -0.32 -11.56
CA GLU A 203 -12.74 -0.59 -10.13
C GLU A 203 -11.74 0.38 -9.52
N PHE A 204 -11.95 0.75 -8.25
CA PHE A 204 -11.15 1.78 -7.59
C PHE A 204 -9.63 1.59 -7.67
N MET A 205 -9.14 0.37 -7.48
CA MET A 205 -7.70 0.13 -7.54
C MET A 205 -7.16 0.40 -8.94
N HIS A 206 -7.95 0.10 -9.96
CA HIS A 206 -7.52 0.38 -11.32
C HIS A 206 -7.56 1.87 -11.62
N ILE A 207 -8.49 2.57 -11.00
CA ILE A 207 -8.54 4.03 -11.11
C ILE A 207 -7.27 4.64 -10.51
N LEU A 208 -6.91 4.17 -9.32
CA LEU A 208 -5.74 4.70 -8.61
C LEU A 208 -4.42 4.36 -9.31
N THR A 209 -4.40 3.24 -10.03
CA THR A 209 -3.23 2.86 -10.82
C THR A 209 -3.03 3.84 -11.98
N ARG A 210 -4.12 4.29 -12.58
CA ARG A 210 -4.04 5.31 -13.62
C ARG A 210 -3.63 6.68 -13.05
N VAL A 211 -4.04 6.96 -11.82
CA VAL A 211 -3.54 8.15 -11.13
C VAL A 211 -2.03 8.03 -10.95
N ASN A 212 -1.57 6.86 -10.51
CA ASN A 212 -0.14 6.59 -10.39
C ASN A 212 0.60 6.91 -11.69
N ARG A 213 0.12 6.37 -12.80
CA ARG A 213 0.75 6.59 -14.09
C ARG A 213 0.70 8.06 -14.50
N LYS A 214 -0.45 8.71 -14.31
CA LYS A 214 -0.59 10.11 -14.69
C LYS A 214 0.41 10.98 -13.94
N VAL A 215 0.42 10.87 -12.62
CA VAL A 215 1.38 11.60 -11.79
C VAL A 215 2.82 11.32 -12.21
N ALA A 216 3.13 10.04 -12.43
CA ALA A 216 4.50 9.61 -12.73
C ALA A 216 5.01 10.09 -14.09
N THR A 217 4.12 10.16 -15.08
CA THR A 217 4.56 10.43 -16.45
C THR A 217 4.34 11.88 -16.90
N GLU A 218 3.26 12.50 -16.45
CA GLU A 218 2.86 13.81 -16.97
C GLU A 218 3.32 14.99 -16.13
N PHE A 219 3.95 14.73 -14.99
CA PHE A 219 4.40 15.80 -14.12
C PHE A 219 5.90 15.77 -13.90
N GLU A 220 6.52 16.94 -13.96
CA GLU A 220 7.92 17.12 -13.64
C GLU A 220 8.11 18.56 -13.21
N SER A 221 8.78 18.77 -12.08
CA SER A 221 8.94 20.12 -11.56
C SER A 221 9.86 20.98 -12.43
N PHE A 222 9.58 22.28 -12.45
CA PHE A 222 10.44 23.26 -13.08
C PHE A 222 10.74 24.33 -12.04
N SER A 223 12.02 24.60 -11.79
CA SER A 223 12.39 25.56 -10.77
C SER A 223 13.68 26.30 -11.12
N PHE A 224 13.74 27.58 -10.76
CA PHE A 224 14.98 28.35 -10.92
C PHE A 224 16.02 27.85 -9.92
N ASP A 225 15.55 27.20 -8.87
CA ASP A 225 16.43 26.55 -7.91
C ASP A 225 16.70 25.13 -8.39
N ALA A 226 17.96 24.84 -8.70
CA ALA A 226 18.34 23.54 -9.24
C ALA A 226 17.91 22.38 -8.35
N THR A 227 17.92 22.60 -7.04
CA THR A 227 17.57 21.56 -6.08
C THR A 227 16.14 21.06 -6.27
N PHE A 228 15.25 21.95 -6.66
CA PHE A 228 13.84 21.60 -6.82
C PHE A 228 13.44 21.37 -8.26
N HIS A 229 14.42 21.31 -9.16
CA HIS A 229 14.14 21.24 -10.59
C HIS A 229 14.19 19.82 -11.18
N ALA A 230 13.30 19.56 -12.12
CA ALA A 230 13.25 18.28 -12.85
C ALA A 230 12.96 17.08 -11.95
N LYS A 231 12.23 17.32 -10.86
CA LYS A 231 11.90 16.28 -9.91
C LYS A 231 10.62 15.54 -10.28
N LYS A 232 10.48 14.31 -9.79
CA LYS A 232 9.35 13.46 -10.15
C LYS A 232 8.66 12.92 -8.91
N GLN A 233 7.49 12.31 -9.10
CA GLN A 233 6.69 11.81 -7.98
C GLN A 233 5.92 10.56 -8.36
N ILE A 234 5.86 9.61 -7.43
CA ILE A 234 4.97 8.46 -7.57
C ILE A 234 4.10 8.35 -6.33
N PRO A 235 2.78 8.27 -6.51
CA PRO A 235 1.89 8.06 -5.36
C PRO A 235 2.03 6.64 -4.81
N CYS A 236 1.30 6.35 -3.73
CA CYS A 236 1.48 5.09 -3.03
C CYS A 236 0.14 4.55 -2.52
N ILE A 237 -0.37 3.52 -3.19
CA ILE A 237 -1.64 2.90 -2.83
C ILE A 237 -1.44 1.85 -1.75
N VAL A 238 -2.09 2.04 -0.61
CA VAL A 238 -2.02 1.05 0.47
C VAL A 238 -3.40 0.47 0.76
N SER A 239 -3.63 -0.77 0.34
CA SER A 239 -4.94 -1.39 0.50
C SER A 239 -5.01 -2.54 1.50
N MET A 240 -5.90 -2.38 2.48
CA MET A 240 -6.31 -3.47 3.35
C MET A 240 -7.76 -3.84 3.02
N LEU A 241 -8.20 -3.47 1.81
CA LEU A 241 -9.57 -3.77 1.40
C LEU A 241 -9.73 -5.27 1.16
N THR A 242 -10.94 -5.77 1.39
CA THR A 242 -11.21 -7.20 1.21
C THR A 242 -12.11 -7.44 0.00
N LYS A 243 -12.58 -6.36 -0.61
CA LYS A 243 -13.45 -6.48 -1.78
C LYS A 243 -13.16 -5.42 -2.82
N GLU A 244 -13.65 -5.63 -4.02
CA GLU A 244 -13.55 -4.63 -5.08
C GLU A 244 -14.52 -3.48 -4.80
N LEU A 245 -14.14 -2.27 -5.19
CA LEU A 245 -14.94 -1.08 -4.91
C LEU A 245 -15.29 -0.35 -6.21
N TYR A 246 -16.59 -0.34 -6.54
CA TYR A 246 -17.07 0.40 -7.71
C TYR A 246 -17.97 1.55 -7.25
N PHE A 247 -17.81 2.71 -7.87
CA PHE A 247 -18.59 3.89 -7.46
C PHE A 247 -19.93 4.00 -8.20
N TYR A 248 -20.19 3.07 -9.11
CA TYR A 248 -21.44 3.05 -9.85
C TYR A 248 -22.30 1.84 -9.45
N ASP B 6 0.87 1.56 -22.40
CA ASP B 6 -0.58 1.72 -22.40
C ASP B 6 -1.16 1.50 -21.01
N ASN B 7 -2.24 0.71 -20.95
CA ASN B 7 -2.92 0.44 -19.69
C ASN B 7 -2.31 -0.74 -18.92
N SER B 8 -1.64 -1.63 -19.65
CA SER B 8 -1.07 -2.84 -19.05
C SER B 8 0.42 -2.97 -19.32
N TYR B 9 1.14 -3.56 -18.37
CA TYR B 9 2.54 -3.86 -18.58
C TYR B 9 2.70 -4.85 -19.72
N LYS B 10 3.75 -4.65 -20.52
CA LYS B 10 4.12 -5.59 -21.56
C LYS B 10 4.68 -6.85 -20.92
N MET B 11 3.93 -7.95 -21.02
CA MET B 11 4.32 -9.20 -20.36
C MET B 11 4.63 -10.31 -21.37
N ASP B 12 4.96 -9.93 -22.60
CA ASP B 12 5.25 -10.90 -23.64
C ASP B 12 6.71 -10.86 -24.10
N TYR B 13 7.61 -10.47 -23.20
CA TYR B 13 9.03 -10.63 -23.45
C TYR B 13 9.32 -12.13 -23.51
N PRO B 14 10.48 -12.52 -24.07
CA PRO B 14 10.81 -13.94 -24.16
C PRO B 14 10.68 -14.67 -22.82
N GLU B 15 10.98 -13.99 -21.73
CA GLU B 15 10.90 -14.58 -20.40
C GLU B 15 9.97 -13.77 -19.49
N MET B 16 9.24 -14.47 -18.63
CA MET B 16 8.45 -13.79 -17.61
C MET B 16 9.37 -13.08 -16.64
N GLY B 17 10.43 -13.76 -16.22
CA GLY B 17 11.43 -13.17 -15.36
C GLY B 17 11.86 -14.06 -14.21
N LEU B 18 12.76 -13.54 -13.37
CA LEU B 18 13.25 -14.26 -12.21
C LEU B 18 12.23 -14.25 -11.07
N CYS B 19 12.20 -15.34 -10.30
CA CYS B 19 11.49 -15.34 -9.04
C CYS B 19 12.44 -15.84 -7.95
N ILE B 20 13.02 -14.90 -7.21
CA ILE B 20 13.95 -15.23 -6.13
C ILE B 20 13.18 -15.49 -4.85
N ILE B 21 13.30 -16.70 -4.30
CA ILE B 21 12.67 -17.01 -3.03
C ILE B 21 13.74 -17.17 -1.95
N ILE B 22 13.74 -16.27 -0.97
CA ILE B 22 14.66 -16.38 0.16
C ILE B 22 13.93 -17.02 1.33
N ASN B 23 14.34 -18.23 1.68
CA ASN B 23 13.65 -19.01 2.70
C ASN B 23 14.50 -19.16 3.95
N ASN B 24 14.28 -18.29 4.94
CA ASN B 24 15.04 -18.34 6.19
C ASN B 24 14.30 -19.06 7.31
N LYS B 25 14.80 -20.25 7.67
CA LYS B 25 14.14 -21.10 8.66
C LYS B 25 14.94 -21.17 9.97
N ASN B 26 16.26 -21.34 9.84
CA ASN B 26 17.12 -21.47 11.00
C ASN B 26 18.00 -20.24 11.20
N PHE B 27 18.01 -19.73 12.43
CA PHE B 27 18.74 -18.50 12.73
C PHE B 27 19.88 -18.72 13.72
N HIS B 28 20.96 -17.96 13.55
CA HIS B 28 22.09 -18.00 14.47
C HIS B 28 21.58 -17.78 15.89
N LYS B 29 22.19 -18.46 16.86
CA LYS B 29 21.77 -18.36 18.25
C LYS B 29 21.97 -16.93 18.78
N SER B 30 22.89 -16.19 18.17
CA SER B 30 23.18 -14.83 18.59
C SER B 30 21.95 -13.92 18.42
N THR B 31 21.09 -14.26 17.46
CA THR B 31 19.87 -13.47 17.23
C THR B 31 18.80 -13.80 18.25
N GLY B 32 18.83 -15.03 18.75
CA GLY B 32 17.87 -15.48 19.75
C GLY B 32 16.49 -15.72 19.20
N MET B 33 16.36 -15.77 17.88
CA MET B 33 15.06 -16.01 17.25
C MET B 33 14.79 -17.49 17.01
N THR B 34 13.53 -17.88 17.18
CA THR B 34 13.13 -19.28 17.06
C THR B 34 13.10 -19.75 15.61
N SER B 35 13.12 -21.06 15.43
CA SER B 35 13.00 -21.67 14.12
C SER B 35 11.63 -21.33 13.54
N ARG B 36 11.57 -21.13 12.23
CA ARG B 36 10.30 -20.79 11.58
C ARG B 36 9.62 -22.04 11.00
N SER B 37 8.99 -22.83 11.86
CA SER B 37 8.34 -24.08 11.45
C SER B 37 7.26 -23.83 10.40
N GLY B 38 7.27 -24.65 9.36
CA GLY B 38 6.28 -24.53 8.29
C GLY B 38 6.73 -23.70 7.10
N THR B 39 7.89 -23.05 7.21
CA THR B 39 8.33 -22.16 6.12
C THR B 39 8.69 -22.93 4.85
N ASP B 40 9.15 -24.17 5.03
CA ASP B 40 9.49 -25.01 3.88
C ASP B 40 8.26 -25.30 3.02
N VAL B 41 7.12 -25.50 3.68
CA VAL B 41 5.85 -25.63 2.98
C VAL B 41 5.57 -24.39 2.12
N ASP B 42 5.76 -23.21 2.68
CA ASP B 42 5.61 -21.97 1.93
C ASP B 42 6.53 -21.96 0.70
N ALA B 43 7.80 -22.24 0.92
CA ALA B 43 8.80 -22.12 -0.14
C ALA B 43 8.51 -23.08 -1.30
N ALA B 44 8.06 -24.29 -1.00
CA ALA B 44 7.71 -25.25 -2.04
C ALA B 44 6.43 -24.84 -2.77
N ASN B 45 5.45 -24.33 -2.03
CA ASN B 45 4.20 -23.84 -2.62
C ASN B 45 4.49 -22.75 -3.64
N LEU B 46 5.34 -21.81 -3.26
CA LEU B 46 5.70 -20.68 -4.11
C LEU B 46 6.48 -21.12 -5.34
N ARG B 47 7.46 -22.00 -5.15
CA ARG B 47 8.27 -22.51 -6.24
C ARG B 47 7.36 -23.06 -7.34
N GLU B 48 6.40 -23.89 -6.93
CA GLU B 48 5.48 -24.51 -7.88
C GLU B 48 4.54 -23.50 -8.51
N THR B 49 4.02 -22.59 -7.69
CA THR B 49 3.06 -21.59 -8.16
C THR B 49 3.68 -20.71 -9.24
N PHE B 50 4.89 -20.22 -8.98
CA PHE B 50 5.55 -19.36 -9.94
C PHE B 50 6.16 -20.13 -11.11
N ARG B 51 6.45 -21.41 -10.91
CA ARG B 51 6.89 -22.27 -12.01
C ARG B 51 5.78 -22.35 -13.05
N ASN B 52 4.55 -22.55 -12.57
CA ASN B 52 3.39 -22.61 -13.45
C ASN B 52 3.11 -21.28 -14.14
N LEU B 53 3.61 -20.19 -13.56
CA LEU B 53 3.46 -18.86 -14.17
C LEU B 53 4.60 -18.55 -15.14
N LYS B 54 5.50 -19.52 -15.31
CA LYS B 54 6.62 -19.43 -16.24
C LYS B 54 7.77 -18.56 -15.76
N TYR B 55 7.88 -18.42 -14.43
CA TYR B 55 9.00 -17.71 -13.84
C TYR B 55 10.19 -18.64 -13.62
N GLU B 56 11.39 -18.12 -13.85
CA GLU B 56 12.62 -18.81 -13.52
C GLU B 56 12.85 -18.70 -12.02
N VAL B 57 12.52 -19.75 -11.29
CA VAL B 57 12.60 -19.72 -9.84
C VAL B 57 13.98 -20.10 -9.31
N ARG B 58 14.48 -19.30 -8.38
CA ARG B 58 15.71 -19.64 -7.67
C ARG B 58 15.45 -19.63 -6.16
N ASN B 59 15.45 -20.81 -5.55
CA ASN B 59 15.30 -20.91 -4.11
C ASN B 59 16.64 -20.74 -3.39
N LYS B 60 16.63 -19.96 -2.32
CA LYS B 60 17.81 -19.78 -1.48
C LYS B 60 17.39 -20.03 -0.04
N ASN B 61 18.25 -20.69 0.73
CA ASN B 61 17.88 -21.10 2.08
C ASN B 61 18.86 -20.61 3.13
N ASP B 62 18.31 -20.08 4.23
CA ASP B 62 19.12 -19.70 5.39
C ASP B 62 20.29 -18.79 5.01
N LEU B 63 19.98 -17.61 4.48
CA LEU B 63 21.00 -16.63 4.10
C LEU B 63 21.24 -15.62 5.22
N THR B 64 22.50 -15.30 5.45
CA THR B 64 22.85 -14.23 6.39
C THR B 64 22.42 -12.89 5.80
N ARG B 65 22.40 -11.85 6.64
CA ARG B 65 22.07 -10.50 6.17
C ARG B 65 23.04 -10.07 5.07
N GLU B 66 24.30 -10.47 5.21
CA GLU B 66 25.33 -10.15 4.22
C GLU B 66 25.03 -10.84 2.89
N GLU B 67 24.68 -12.12 2.96
CA GLU B 67 24.39 -12.89 1.75
C GLU B 67 23.16 -12.36 1.01
N ILE B 68 22.18 -11.88 1.76
CA ILE B 68 20.96 -11.35 1.17
C ILE B 68 21.27 -10.11 0.34
N VAL B 69 22.10 -9.22 0.89
CA VAL B 69 22.50 -8.01 0.18
C VAL B 69 23.31 -8.34 -1.07
N GLU B 70 24.31 -9.21 -0.93
CA GLU B 70 25.14 -9.60 -2.05
C GLU B 70 24.31 -10.29 -3.14
N LEU B 71 23.36 -11.13 -2.71
CA LEU B 71 22.49 -11.82 -3.64
C LEU B 71 21.64 -10.82 -4.43
N MET B 72 21.07 -9.85 -3.72
CA MET B 72 20.22 -8.85 -4.36
C MET B 72 21.02 -7.93 -5.28
N ARG B 73 22.20 -7.53 -4.84
CA ARG B 73 23.10 -6.74 -5.67
C ARG B 73 23.45 -7.49 -6.95
N ASP B 74 23.85 -8.75 -6.80
CA ASP B 74 24.23 -9.57 -7.94
C ASP B 74 23.08 -9.71 -8.93
N VAL B 75 21.90 -10.08 -8.44
CA VAL B 75 20.72 -10.24 -9.28
C VAL B 75 20.37 -8.95 -10.00
N SER B 76 20.50 -7.82 -9.31
CA SER B 76 20.17 -6.53 -9.89
C SER B 76 21.14 -6.15 -11.01
N LYS B 77 22.31 -6.79 -11.02
CA LYS B 77 23.34 -6.50 -12.01
C LYS B 77 23.24 -7.40 -13.24
N GLU B 78 22.29 -8.32 -13.24
CA GLU B 78 22.05 -9.17 -14.40
C GLU B 78 21.35 -8.37 -15.50
N ASP B 79 21.38 -8.91 -16.71
CA ASP B 79 20.69 -8.28 -17.84
C ASP B 79 19.28 -8.83 -17.95
N HIS B 80 18.30 -8.01 -17.54
CA HIS B 80 16.90 -8.41 -17.55
C HIS B 80 16.18 -7.95 -18.82
N SER B 81 16.93 -7.58 -19.85
CA SER B 81 16.35 -7.04 -21.08
C SER B 81 15.28 -7.95 -21.67
N LYS B 82 15.51 -9.25 -21.64
CA LYS B 82 14.60 -10.21 -22.25
C LYS B 82 13.53 -10.70 -21.28
N ARG B 83 13.46 -10.07 -20.12
CA ARG B 83 12.53 -10.48 -19.07
C ARG B 83 11.43 -9.44 -18.81
N SER B 84 10.21 -9.90 -18.63
CA SER B 84 9.05 -9.01 -18.51
C SER B 84 8.96 -8.34 -17.15
N SER B 85 9.41 -9.04 -16.11
CA SER B 85 9.20 -8.57 -14.74
C SER B 85 10.21 -9.17 -13.78
N PHE B 86 10.08 -8.80 -12.51
CA PHE B 86 10.93 -9.35 -11.45
C PHE B 86 10.16 -9.63 -10.18
N VAL B 87 10.35 -10.82 -9.62
CA VAL B 87 9.70 -11.20 -8.38
C VAL B 87 10.70 -11.62 -7.31
N CYS B 88 10.58 -11.04 -6.12
CA CYS B 88 11.35 -11.48 -4.98
C CYS B 88 10.45 -11.80 -3.79
N VAL B 89 10.55 -13.01 -3.26
CA VAL B 89 9.78 -13.42 -2.08
C VAL B 89 10.68 -13.55 -0.86
N LEU B 90 10.31 -12.85 0.22
CA LEU B 90 11.07 -12.93 1.46
C LEU B 90 10.29 -13.67 2.55
N LEU B 91 10.83 -14.79 3.01
CA LEU B 91 10.23 -15.56 4.09
C LEU B 91 11.16 -15.53 5.30
N SER B 92 10.80 -14.77 6.33
CA SER B 92 11.66 -14.67 7.51
C SER B 92 10.98 -13.98 8.69
N HIS B 93 11.74 -13.79 9.77
CA HIS B 93 11.30 -12.95 10.86
C HIS B 93 11.45 -11.51 10.39
N GLY B 94 10.85 -10.57 11.10
CA GLY B 94 10.99 -9.18 10.74
C GLY B 94 10.43 -8.21 11.76
N GLU B 95 10.63 -6.93 11.50
CA GLU B 95 9.94 -5.86 12.21
C GLU B 95 9.66 -4.78 11.19
N GLU B 96 9.00 -3.71 11.59
CA GLU B 96 8.60 -2.68 10.63
C GLU B 96 9.79 -2.18 9.82
N GLY B 97 9.72 -2.35 8.50
CA GLY B 97 10.77 -1.90 7.61
C GLY B 97 11.98 -2.80 7.57
N ILE B 98 11.91 -3.94 8.24
CA ILE B 98 13.07 -4.80 8.42
C ILE B 98 12.78 -6.27 8.12
N ILE B 99 13.75 -6.94 7.51
CA ILE B 99 13.69 -8.37 7.30
C ILE B 99 14.97 -8.98 7.86
N PHE B 100 14.87 -10.16 8.48
CA PHE B 100 16.03 -10.75 9.16
C PHE B 100 16.80 -11.76 8.32
N GLY B 101 18.10 -11.53 8.19
CA GLY B 101 19.00 -12.57 7.73
C GLY B 101 19.18 -13.53 8.89
N THR B 102 19.77 -14.69 8.64
CA THR B 102 19.99 -15.67 9.70
C THR B 102 20.81 -15.09 10.85
N ASN B 103 21.59 -14.05 10.55
CA ASN B 103 22.49 -13.47 11.54
C ASN B 103 22.18 -12.02 11.91
N GLY B 104 20.98 -11.56 11.59
CA GLY B 104 20.59 -10.20 11.95
C GLY B 104 19.72 -9.49 10.93
N PRO B 105 19.22 -8.30 11.30
CA PRO B 105 18.29 -7.47 10.53
C PRO B 105 18.87 -6.85 9.26
N VAL B 106 18.04 -6.74 8.24
CA VAL B 106 18.36 -6.02 7.02
C VAL B 106 17.25 -5.02 6.74
N ASP B 107 17.60 -3.77 6.49
CA ASP B 107 16.62 -2.77 6.09
C ASP B 107 16.03 -3.17 4.74
N LEU B 108 14.71 -3.22 4.64
CA LEU B 108 14.07 -3.58 3.38
C LEU B 108 14.43 -2.60 2.25
N LYS B 109 14.48 -1.30 2.58
CA LYS B 109 14.84 -0.29 1.60
C LYS B 109 16.19 -0.60 0.95
N LYS B 110 17.14 -1.05 1.76
CA LYS B 110 18.46 -1.43 1.28
C LYS B 110 18.36 -2.49 0.20
N ILE B 111 17.46 -3.45 0.39
CA ILE B 111 17.26 -4.53 -0.56
C ILE B 111 16.57 -4.04 -1.84
N THR B 112 15.49 -3.29 -1.68
CA THR B 112 14.72 -2.83 -2.82
C THR B 112 15.42 -1.74 -3.62
N ASN B 113 16.33 -1.02 -2.97
CA ASN B 113 17.04 0.07 -3.63
C ASN B 113 17.86 -0.37 -4.84
N PHE B 114 18.36 -1.61 -4.79
CA PHE B 114 19.17 -2.15 -5.87
C PHE B 114 18.38 -2.18 -7.17
N PHE B 115 17.07 -2.16 -7.07
CA PHE B 115 16.21 -2.33 -8.24
C PHE B 115 15.51 -1.04 -8.67
N ARG B 116 15.87 0.07 -8.03
CA ARG B 116 15.36 1.38 -8.42
C ARG B 116 15.49 1.61 -9.92
N GLY B 117 14.57 2.37 -10.48
CA GLY B 117 14.54 2.65 -11.90
C GLY B 117 15.88 3.10 -12.46
N ASP B 118 16.65 3.83 -11.64
CA ASP B 118 17.92 4.39 -12.09
C ASP B 118 19.13 3.48 -11.82
N ARG B 119 18.93 2.42 -11.05
CA ARG B 119 20.03 1.53 -10.68
C ARG B 119 19.96 0.14 -11.32
N CYS B 120 18.80 -0.22 -11.87
CA CYS B 120 18.65 -1.44 -12.65
C CYS B 120 17.92 -1.12 -13.95
N ARG B 121 18.70 -0.74 -14.96
CA ARG B 121 18.14 -0.21 -16.20
C ARG B 121 17.34 -1.23 -17.01
N SER B 122 17.76 -2.49 -16.95
CA SER B 122 17.08 -3.54 -17.70
C SER B 122 15.72 -3.90 -17.09
N LEU B 123 15.41 -3.29 -15.95
CA LEU B 123 14.09 -3.47 -15.34
C LEU B 123 13.30 -2.15 -15.29
N THR B 124 13.91 -1.07 -15.75
CA THR B 124 13.22 0.22 -15.79
C THR B 124 11.94 0.10 -16.60
N GLY B 125 10.83 0.51 -16.00
CA GLY B 125 9.54 0.44 -16.67
C GLY B 125 8.85 -0.91 -16.53
N LYS B 126 9.50 -1.83 -15.83
CA LYS B 126 8.94 -3.18 -15.65
C LYS B 126 8.51 -3.40 -14.20
N PRO B 127 7.46 -4.20 -13.99
CA PRO B 127 6.93 -4.44 -12.64
C PRO B 127 7.90 -5.20 -11.76
N LYS B 128 8.20 -4.63 -10.60
CA LYS B 128 9.09 -5.23 -9.63
C LYS B 128 8.30 -5.57 -8.38
N LEU B 129 8.12 -6.87 -8.14
CA LEU B 129 7.24 -7.37 -7.12
C LEU B 129 8.00 -7.92 -5.92
N PHE B 130 7.73 -7.37 -4.74
CA PHE B 130 8.31 -7.90 -3.51
C PHE B 130 7.23 -8.43 -2.58
N ILE B 131 7.31 -9.73 -2.29
CA ILE B 131 6.33 -10.41 -1.46
C ILE B 131 6.98 -10.73 -0.12
N ILE B 132 6.43 -10.17 0.95
CA ILE B 132 7.08 -10.20 2.26
C ILE B 132 6.24 -10.91 3.30
N GLN B 133 6.66 -12.12 3.66
CA GLN B 133 6.05 -12.88 4.75
C GLN B 133 6.93 -12.74 5.98
N ALA B 134 6.56 -11.82 6.86
CA ALA B 134 7.38 -11.50 8.03
C ALA B 134 6.63 -10.55 8.94
N CYS B 135 6.96 -10.57 10.23
CA CYS B 135 6.34 -9.65 11.18
C CYS B 135 6.69 -8.21 10.82
N ARG B 136 5.81 -7.28 11.17
CA ARG B 136 6.10 -5.86 10.99
C ARG B 136 5.95 -5.14 12.32
N GLY B 137 6.13 -5.89 13.40
CA GLY B 137 5.94 -5.39 14.73
C GLY B 137 5.34 -6.51 15.56
N THR B 138 4.93 -6.21 16.79
CA THR B 138 4.43 -7.24 17.69
C THR B 138 2.97 -7.04 18.08
N GLU B 139 2.27 -6.17 17.38
CA GLU B 139 0.85 -5.98 17.68
C GLU B 139 0.01 -7.17 17.24
N LEU B 140 -1.05 -7.44 17.99
CA LEU B 140 -1.99 -8.50 17.65
C LEU B 140 -3.34 -7.88 17.31
N ASP B 141 -4.01 -8.43 16.29
CA ASP B 141 -5.32 -7.94 15.90
C ASP B 141 -6.41 -8.82 16.55
N CYS B 142 -7.13 -8.27 17.51
CA CYS B 142 -8.13 -9.03 18.25
C CYS B 142 -9.42 -9.25 17.47
N GLY B 143 -9.56 -8.52 16.36
CA GLY B 143 -10.70 -8.68 15.48
C GLY B 143 -12.02 -8.15 16.04
N ILE B 144 -13.08 -8.30 15.25
CA ILE B 144 -14.43 -7.93 15.65
C ILE B 144 -15.43 -8.84 14.95
N GLU B 145 -16.44 -9.31 15.68
CA GLU B 145 -17.41 -10.24 15.10
C GLU B 145 -18.27 -9.60 14.03
N THR B 146 -18.57 -10.37 12.99
CA THR B 146 -19.36 -9.88 11.85
C THR B 146 -20.83 -9.77 12.22
N ASP B 152 3.54 23.76 -20.71
CA ASP B 152 4.75 22.95 -20.76
C ASP B 152 4.42 21.55 -21.29
N ASP B 153 5.45 20.73 -21.49
CA ASP B 153 5.25 19.40 -22.04
C ASP B 153 6.47 18.50 -21.81
N MET B 154 6.62 18.02 -20.58
CA MET B 154 7.68 17.09 -20.23
C MET B 154 7.13 15.69 -20.03
N ALA B 155 5.97 15.43 -20.61
CA ALA B 155 5.31 14.14 -20.50
C ALA B 155 6.18 13.00 -21.02
N CYS B 156 6.38 11.99 -20.19
CA CYS B 156 7.14 10.79 -20.57
C CYS B 156 8.61 11.08 -20.86
N HIS B 157 9.12 12.18 -20.32
CA HIS B 157 10.54 12.49 -20.40
C HIS B 157 11.31 11.58 -19.42
N LYS B 158 10.77 11.48 -18.21
CA LYS B 158 11.37 10.62 -17.18
C LYS B 158 10.27 9.96 -16.36
N ILE B 159 10.65 8.92 -15.62
CA ILE B 159 9.76 8.31 -14.64
C ILE B 159 10.43 8.34 -13.27
N PRO B 160 9.63 8.33 -12.20
CA PRO B 160 10.20 8.29 -10.85
C PRO B 160 11.02 7.01 -10.67
N VAL B 161 12.11 7.09 -9.91
CA VAL B 161 12.97 5.95 -9.68
C VAL B 161 12.26 4.89 -8.83
N GLU B 162 11.33 5.34 -7.98
CA GLU B 162 10.58 4.45 -7.12
C GLU B 162 9.23 4.08 -7.74
N ALA B 163 9.16 4.12 -9.05
CA ALA B 163 7.93 3.80 -9.77
C ALA B 163 7.99 2.39 -10.35
N ASP B 164 6.86 1.70 -10.29
CA ASP B 164 6.77 0.32 -10.81
C ASP B 164 7.20 -0.73 -9.80
N PHE B 165 7.11 -0.41 -8.51
CA PHE B 165 7.31 -1.39 -7.45
C PHE B 165 5.96 -1.76 -6.86
N LEU B 166 5.81 -3.04 -6.51
CA LEU B 166 4.68 -3.46 -5.68
C LEU B 166 5.21 -4.26 -4.50
N TYR B 167 4.75 -3.90 -3.30
CA TYR B 167 5.12 -4.62 -2.10
C TYR B 167 3.90 -5.31 -1.53
N ALA B 168 3.85 -6.64 -1.65
CA ALA B 168 2.74 -7.40 -1.10
C ALA B 168 3.10 -7.90 0.29
N TYR B 169 2.74 -7.11 1.31
CA TYR B 169 3.03 -7.45 2.70
C TYR B 169 2.01 -8.45 3.25
N SER B 170 2.48 -9.39 4.06
CA SER B 170 1.61 -10.40 4.66
C SER B 170 0.69 -9.79 5.71
N THR B 171 1.06 -8.62 6.23
CA THR B 171 0.37 -8.06 7.37
C THR B 171 0.44 -6.54 7.41
N ALA B 172 -0.45 -5.93 8.19
CA ALA B 172 -0.52 -4.48 8.33
C ALA B 172 0.67 -3.94 9.10
N PRO B 173 1.04 -2.67 8.86
CA PRO B 173 2.15 -2.03 9.58
C PRO B 173 2.02 -2.19 11.09
N GLY B 174 3.10 -2.59 11.76
CA GLY B 174 3.10 -2.73 13.20
C GLY B 174 2.65 -4.09 13.74
N TYR B 175 2.14 -4.96 12.88
CA TYR B 175 1.51 -6.21 13.34
C TYR B 175 2.31 -7.50 13.15
N TYR B 176 1.97 -8.50 13.96
CA TYR B 176 2.45 -9.87 13.79
C TYR B 176 1.98 -10.43 12.45
N SER B 177 2.73 -11.39 11.93
CA SER B 177 2.29 -12.20 10.80
C SER B 177 2.24 -13.67 11.23
N TRP B 178 1.12 -14.34 10.97
CA TRP B 178 0.88 -15.68 11.49
C TRP B 178 1.28 -16.81 10.55
N ARG B 179 1.83 -17.87 11.12
CA ARG B 179 2.28 -19.02 10.36
C ARG B 179 1.90 -20.32 11.06
N ASN B 180 1.48 -21.30 10.28
CA ASN B 180 1.11 -22.62 10.80
C ASN B 180 2.18 -23.64 10.43
N SER B 181 2.65 -24.39 11.42
CA SER B 181 3.76 -25.33 11.19
C SER B 181 3.42 -26.40 10.17
N LYS B 182 2.14 -26.70 10.00
CA LYS B 182 1.70 -27.75 9.07
C LYS B 182 1.38 -27.21 7.69
N ASP B 183 0.64 -26.11 7.62
CA ASP B 183 0.14 -25.59 6.35
C ASP B 183 0.95 -24.42 5.81
N GLY B 184 1.83 -23.87 6.64
CA GLY B 184 2.62 -22.71 6.26
C GLY B 184 1.96 -21.45 6.77
N SER B 185 2.42 -20.29 6.29
CA SER B 185 1.86 -19.02 6.74
C SER B 185 0.48 -18.78 6.14
N TRP B 186 -0.38 -18.10 6.88
CA TRP B 186 -1.72 -17.77 6.38
C TRP B 186 -1.65 -17.06 5.04
N PHE B 187 -0.73 -16.10 4.92
CA PHE B 187 -0.65 -15.25 3.73
C PHE B 187 -0.15 -16.00 2.50
N ILE B 188 0.95 -16.73 2.64
CA ILE B 188 1.50 -17.46 1.51
C ILE B 188 0.56 -18.57 1.02
N GLN B 189 -0.05 -19.29 1.97
CA GLN B 189 -1.09 -20.27 1.64
C GLN B 189 -2.13 -19.64 0.72
N SER B 190 -2.68 -18.51 1.17
CA SER B 190 -3.77 -17.85 0.45
C SER B 190 -3.29 -17.26 -0.88
N LEU B 191 -2.10 -16.69 -0.88
CA LEU B 191 -1.54 -16.11 -2.10
C LEU B 191 -1.41 -17.15 -3.20
N CYS B 192 -0.80 -18.29 -2.88
CA CYS B 192 -0.59 -19.35 -3.87
C CYS B 192 -1.92 -19.90 -4.38
N ALA B 193 -2.87 -20.08 -3.46
CA ALA B 193 -4.19 -20.56 -3.83
C ALA B 193 -4.88 -19.61 -4.80
N MET B 194 -4.84 -18.32 -4.51
CA MET B 194 -5.51 -17.33 -5.36
C MET B 194 -4.81 -17.17 -6.71
N LEU B 195 -3.48 -17.26 -6.71
CA LEU B 195 -2.72 -17.27 -7.96
C LEU B 195 -3.08 -18.49 -8.81
N LYS B 196 -3.08 -19.67 -8.19
CA LYS B 196 -3.41 -20.90 -8.91
C LYS B 196 -4.79 -20.78 -9.55
N GLN B 197 -5.75 -20.25 -8.81
CA GLN B 197 -7.12 -20.19 -9.27
C GLN B 197 -7.42 -19.03 -10.23
N TYR B 198 -6.80 -17.87 -9.99
CA TYR B 198 -7.20 -16.64 -10.69
C TYR B 198 -6.15 -16.00 -11.61
N ALA B 199 -4.95 -16.56 -11.69
CA ALA B 199 -3.88 -15.95 -12.49
C ALA B 199 -4.27 -15.82 -13.96
N ASP B 200 -5.15 -16.69 -14.42
CA ASP B 200 -5.52 -16.70 -15.83
C ASP B 200 -6.81 -15.93 -16.13
N LYS B 201 -7.30 -15.17 -15.15
CA LYS B 201 -8.54 -14.43 -15.37
C LYS B 201 -8.69 -13.11 -14.60
N LEU B 202 -7.76 -12.80 -13.71
CA LEU B 202 -7.85 -11.57 -12.92
C LEU B 202 -6.57 -10.72 -12.97
N GLU B 203 -6.73 -9.41 -12.86
CA GLU B 203 -5.59 -8.50 -12.75
C GLU B 203 -4.97 -8.66 -11.37
N PHE B 204 -3.66 -8.47 -11.28
CA PHE B 204 -2.94 -8.78 -10.05
C PHE B 204 -3.46 -8.11 -8.77
N MET B 205 -3.87 -6.84 -8.86
CA MET B 205 -4.40 -6.14 -7.69
C MET B 205 -5.69 -6.79 -7.20
N HIS B 206 -6.48 -7.31 -8.14
CA HIS B 206 -7.73 -7.99 -7.77
C HIS B 206 -7.47 -9.38 -7.18
N ILE B 207 -6.42 -10.03 -7.64
CA ILE B 207 -6.01 -11.29 -7.04
C ILE B 207 -5.58 -11.05 -5.59
N LEU B 208 -4.79 -10.00 -5.38
CA LEU B 208 -4.30 -9.68 -4.04
C LEU B 208 -5.43 -9.28 -3.11
N THR B 209 -6.48 -8.70 -3.67
CA THR B 209 -7.64 -8.31 -2.87
C THR B 209 -8.42 -9.54 -2.41
N ARG B 210 -8.43 -10.59 -3.23
CA ARG B 210 -9.05 -11.84 -2.82
C ARG B 210 -8.18 -12.54 -1.76
N VAL B 211 -6.87 -12.40 -1.88
CA VAL B 211 -5.95 -12.85 -0.84
C VAL B 211 -6.27 -12.14 0.48
N ASN B 212 -6.42 -10.82 0.42
CA ASN B 212 -6.83 -10.05 1.59
C ASN B 212 -8.07 -10.64 2.26
N ARG B 213 -9.10 -10.89 1.46
CA ARG B 213 -10.36 -11.42 1.98
C ARG B 213 -10.21 -12.82 2.56
N LYS B 214 -9.45 -13.67 1.89
CA LYS B 214 -9.27 -15.06 2.34
C LYS B 214 -8.57 -15.10 3.69
N VAL B 215 -7.49 -14.33 3.83
CA VAL B 215 -6.76 -14.26 5.08
C VAL B 215 -7.63 -13.67 6.20
N ALA B 216 -8.36 -12.60 5.87
CA ALA B 216 -9.17 -11.89 6.84
C ALA B 216 -10.32 -12.72 7.40
N THR B 217 -10.92 -13.56 6.56
CA THR B 217 -12.14 -14.26 6.94
C THR B 217 -11.95 -15.72 7.36
N GLU B 218 -10.96 -16.40 6.79
CA GLU B 218 -10.82 -17.84 6.96
C GLU B 218 -9.83 -18.29 8.03
N PHE B 219 -9.06 -17.34 8.57
CA PHE B 219 -8.05 -17.69 9.56
C PHE B 219 -8.31 -17.01 10.91
N GLU B 220 -8.09 -17.75 11.98
CA GLU B 220 -8.14 -17.21 13.34
C GLU B 220 -7.32 -18.10 14.24
N SER B 221 -6.51 -17.50 15.12
CA SER B 221 -5.62 -18.27 15.97
C SER B 221 -6.35 -19.01 17.08
N PHE B 222 -5.81 -20.18 17.46
CA PHE B 222 -6.29 -20.90 18.62
C PHE B 222 -5.10 -21.13 19.54
N SER B 223 -5.24 -20.77 20.81
CA SER B 223 -4.15 -20.92 21.76
C SER B 223 -4.66 -21.11 23.18
N PHE B 224 -3.98 -21.98 23.94
CA PHE B 224 -4.30 -22.13 25.34
C PHE B 224 -3.95 -20.86 26.10
N ASP B 225 -3.04 -20.08 25.52
CA ASP B 225 -2.65 -18.80 26.09
C ASP B 225 -3.58 -17.71 25.57
N ALA B 226 -4.34 -17.09 26.48
CA ALA B 226 -5.30 -16.06 26.11
C ALA B 226 -4.70 -14.94 25.25
N THR B 227 -3.44 -14.62 25.51
CA THR B 227 -2.81 -13.50 24.81
C THR B 227 -2.62 -13.79 23.31
N PHE B 228 -2.50 -15.06 22.95
CA PHE B 228 -2.32 -15.42 21.55
C PHE B 228 -3.57 -16.07 20.93
N HIS B 229 -4.69 -16.03 21.64
CA HIS B 229 -5.89 -16.72 21.18
C HIS B 229 -6.92 -15.84 20.48
N ALA B 230 -7.59 -16.41 19.48
CA ALA B 230 -8.66 -15.75 18.74
C ALA B 230 -8.19 -14.50 17.98
N LYS B 231 -6.95 -14.52 17.52
CA LYS B 231 -6.38 -13.37 16.82
C LYS B 231 -6.59 -13.42 15.31
N LYS B 232 -6.52 -12.27 14.66
CA LYS B 232 -6.84 -12.14 13.24
C LYS B 232 -5.73 -11.41 12.49
N GLN B 233 -5.82 -11.42 11.16
CA GLN B 233 -4.77 -10.83 10.33
C GLN B 233 -5.31 -10.25 9.04
N ILE B 234 -4.81 -9.07 8.66
CA ILE B 234 -5.10 -8.50 7.34
C ILE B 234 -3.78 -8.21 6.63
N PRO B 235 -3.64 -8.68 5.38
CA PRO B 235 -2.42 -8.33 4.64
C PRO B 235 -2.47 -6.88 4.20
N CYS B 236 -1.40 -6.41 3.55
CA CYS B 236 -1.28 -5.00 3.21
C CYS B 236 -0.64 -4.85 1.83
N ILE B 237 -1.45 -4.43 0.86
CA ILE B 237 -0.98 -4.25 -0.51
C ILE B 237 -0.46 -2.84 -0.69
N VAL B 238 0.79 -2.70 -1.09
CA VAL B 238 1.39 -1.38 -1.31
C VAL B 238 1.86 -1.28 -2.76
N SER B 239 1.15 -0.48 -3.56
CA SER B 239 1.43 -0.43 -4.99
C SER B 239 1.95 0.92 -5.48
N MET B 240 3.13 0.90 -6.08
CA MET B 240 3.65 2.05 -6.83
C MET B 240 3.63 1.72 -8.31
N LEU B 241 2.80 0.76 -8.68
CA LEU B 241 2.70 0.35 -10.07
C LEU B 241 1.98 1.41 -10.91
N THR B 242 2.34 1.50 -12.18
CA THR B 242 1.76 2.50 -13.07
C THR B 242 0.85 1.86 -14.11
N LYS B 243 0.83 0.54 -14.15
CA LYS B 243 -0.01 -0.18 -15.11
C LYS B 243 -0.65 -1.42 -14.47
N GLU B 244 -1.66 -1.94 -15.14
CA GLU B 244 -2.29 -3.19 -14.70
C GLU B 244 -1.39 -4.36 -15.06
N LEU B 245 -1.35 -5.36 -14.18
CA LEU B 245 -0.47 -6.51 -14.35
C LEU B 245 -1.27 -7.79 -14.57
N TYR B 246 -1.10 -8.40 -15.74
CA TYR B 246 -1.74 -9.67 -16.05
C TYR B 246 -0.70 -10.75 -16.31
N PHE B 247 -0.97 -11.94 -15.78
CA PHE B 247 -0.01 -13.03 -15.93
C PHE B 247 -0.22 -13.89 -17.18
N TYR B 248 -1.34 -13.73 -17.88
CA TYR B 248 -1.57 -14.56 -19.06
C TYR B 248 -0.35 -14.48 -19.96
C22 H0E C . 11.07 26.67 -6.21
O1 H0E C . 3.71 18.70 2.28
C15 H0E C . 9.21 22.02 -2.43
C14 H0E C . 8.93 20.63 -2.96
C20 H0E C . 9.23 25.77 -7.48
N1 H0E C . 5.60 18.51 4.70
S1 H0E C . 5.40 22.16 -2.07
C16 H0E C . 7.95 22.81 -2.76
C17 H0E C . 8.07 23.60 -4.07
C11 H0E C . 6.22 21.03 2.29
C5 H0E C . 5.11 19.00 2.28
C4 H0E C . 5.70 19.30 3.68
C3 H0E C . 6.30 19.02 5.92
C6 H0E C . 5.46 20.17 1.45
C1 H0E C . 8.58 19.07 4.87
C2 H0E C . 7.52 19.92 5.60
C9 H0E C . 6.46 22.53 0.44
C8 H0E C . 5.69 21.66 -0.38
C7 H0E C . 5.19 20.45 0.12
C10 H0E C . 6.71 22.21 1.79
N2 H0E C . 6.35 20.50 3.58
C12 H0E C . 7.05 21.08 4.70
O2 H0E C . 4.38 21.30 -2.62
O3 H0E C . 5.27 23.60 -2.09
N3 H0E C . 6.86 21.78 -2.88
C13 H0E C . 7.46 20.43 -2.63
O4 H0E C . 9.18 24.48 -4.00
C18 H0E C . 9.50 25.13 -5.16
C19 H0E C . 8.80 25.04 -6.36
C21 H0E C . 10.36 26.57 -7.40
C23 H0E C . 10.64 25.95 -5.08
C24 H0E C . 8.17 20.46 6.89
C22 H0E D . 0.85 -20.15 21.25
O1 H0E D . 7.83 -13.08 11.89
C15 H0E D . 3.39 -15.70 17.56
C14 H0E D . 2.48 -14.86 16.70
C20 H0E D . -0.16 -20.81 19.16
N1 H0E D . 9.43 -11.30 13.82
S1 H0E D . 4.52 -17.21 14.29
C16 H0E D . 3.46 -17.03 16.79
C17 H0E D . 2.37 -18.01 17.22
C11 H0E D . 7.90 -14.24 15.04
C5 H0E D . 7.50 -12.82 13.26
C4 H0E D . 8.72 -12.35 14.07
C3 H0E D . 10.52 -11.07 14.79
C6 H0E D . 7.03 -14.06 13.94
C1 H0E D . 9.01 -10.87 16.81
C2 H0E D . 10.22 -11.61 16.22
C9 H0E D . 6.68 -16.20 15.63
C8 H0E D . 5.82 -16.01 14.52
C7 H0E D . 5.98 -14.93 13.65
C10 H0E D . 7.72 -15.31 15.89
N2 H0E D . 8.86 -13.24 15.11
C12 H0E D . 9.90 -13.11 16.10
O2 H0E D . 4.04 -17.08 12.93
O3 H0E D . 4.97 -18.48 14.81
N3 H0E D . 3.30 -16.65 15.34
C13 H0E D . 2.94 -15.19 15.29
O4 H0E D . 2.33 -18.08 18.65
C18 H0E D . 1.51 -19.05 19.18
C19 H0E D . 0.61 -19.86 18.48
C21 H0E D . -0.04 -20.96 20.54
C23 H0E D . 1.62 -19.20 20.57
C24 H0E D . 11.42 -11.40 17.17
#